data_6L84
#
_entry.id   6L84
#
_cell.length_a   52.763
_cell.length_b   98.664
_cell.length_c   100.769
_cell.angle_alpha   90.000
_cell.angle_beta   90.000
_cell.angle_gamma   90.000
#
_symmetry.space_group_name_H-M   'P 2 21 21'
#
loop_
_entity.id
_entity.type
_entity.pdbx_description
1 polymer 'DNA polymerase IV'
2 polymer "DNA (5'-D(*GP*GP*GP*GP*GP*AP*AP*GP*GP*AP*TP*TP*CP*C)-3')"
3 polymer "DNA (5'-D(P*CP*GP*GP*AP*AP*TP*CP*CP*TP*TP*CP*CP*CP*CP*C)-3')"
4 non-polymer 'CALCIUM ION'
5 water water
#
loop_
_entity_poly.entity_id
_entity_poly.type
_entity_poly.pdbx_seq_one_letter_code
_entity_poly.pdbx_strand_id
1 'polypeptide(L)'
;MIVLFVDFDYFYAQVEEVLNPSLKGKPVVVCVFSGRFEDSGAVATANYEARKFGVKAGIPIVEAKKILPNAVYLPMRKEV
YQQVSSRIMNLLREYSEKIEIASIDEAYLDISDKVRDYREAYNLGLEIKNKILEKEKITVTVGISKNKVFAKIAADMAKP
NGIKVIDDEEVKRLIRELDIADVPGIGNITAEKLKKLGINKLVDTLSIEFDKLKGMIGEAKAKYLISLARDEYNEPIRTR
VRKSIGRIVTMKRNSRNLEEIKPYLFRAIEESYYKLDKRIPKAIHVVAVTEDLDIVSRGRTFPHGISKETAYSESVKLLQ
KILEEDERKIRRIGVRFSKFIEAIGLDKFFDTLEHHHHHH
;
A
2 'polydeoxyribonucleotide' (DG)(DG)(DG)(DG)(DG)(DA)(DA)(DG)(DG)(DA)(DT)(DT)(DC)(DC) P
3 'polydeoxyribonucleotide' (DT)(DC)(DA)(DC)(DG)(DG)(DA)(DA)(DT)(DC)(DC)(DT)(DT)(DC)(DC)(DC)(DC)(DC) T
#
loop_
_chem_comp.id
_chem_comp.type
_chem_comp.name
_chem_comp.formula
CA non-polymer 'CALCIUM ION' 'Ca 2'
DA DNA linking 2'-DEOXYADENOSINE-5'-MONOPHOSPHATE 'C10 H14 N5 O6 P'
DC DNA linking 2'-DEOXYCYTIDINE-5'-MONOPHOSPHATE 'C9 H14 N3 O7 P'
DG DNA linking 2'-DEOXYGUANOSINE-5'-MONOPHOSPHATE 'C10 H14 N5 O7 P'
DT DNA linking THYMIDINE-5'-MONOPHOSPHATE 'C10 H15 N2 O8 P'
#
# COMPACT_ATOMS: atom_id res chain seq x y z
N MET A 1 24.28 -9.10 5.59
CA MET A 1 23.15 -8.21 5.77
C MET A 1 22.03 -8.87 6.58
N ILE A 2 21.57 -8.19 7.62
CA ILE A 2 20.46 -8.65 8.45
C ILE A 2 19.40 -7.55 8.44
N VAL A 3 18.26 -7.83 7.83
CA VAL A 3 17.17 -6.88 7.73
C VAL A 3 16.04 -7.31 8.66
N LEU A 4 15.49 -6.35 9.38
CA LEU A 4 14.36 -6.58 10.28
C LEU A 4 13.14 -5.83 9.74
N PHE A 5 12.02 -6.53 9.60
CA PHE A 5 10.81 -5.99 9.02
C PHE A 5 9.74 -5.91 10.09
N VAL A 6 9.07 -4.76 10.18
CA VAL A 6 8.00 -4.53 11.14
C VAL A 6 6.74 -4.18 10.37
N ASP A 7 5.65 -4.92 10.63
CA ASP A 7 4.37 -4.69 9.99
C ASP A 7 3.30 -4.58 11.06
N PHE A 8 2.61 -3.43 11.10
CA PHE A 8 1.56 -3.24 12.09
C PHE A 8 0.35 -4.07 11.69
N ASP A 9 -0.13 -4.90 12.61
CA ASP A 9 -1.20 -5.83 12.30
C ASP A 9 -2.53 -5.08 12.14
N TYR A 10 -3.27 -5.43 11.08
CA TYR A 10 -4.55 -4.82 10.69
C TYR A 10 -4.64 -3.36 11.12
N PHE A 11 -3.69 -2.55 10.63
CA PHE A 11 -3.39 -1.26 11.26
C PHE A 11 -4.62 -0.38 11.43
N TYR A 12 -5.36 -0.14 10.34
CA TYR A 12 -6.49 0.79 10.40
C TYR A 12 -7.48 0.34 11.47
N ALA A 13 -7.81 -0.95 11.50
CA ALA A 13 -8.78 -1.44 12.46
C ALA A 13 -8.21 -1.45 13.87
N GLN A 14 -6.91 -1.70 14.03
CA GLN A 14 -6.34 -1.76 15.37
C GLN A 14 -6.32 -0.38 16.03
N VAL A 15 -6.05 0.68 15.24
CA VAL A 15 -6.07 2.03 15.78
C VAL A 15 -7.47 2.38 16.29
N GLU A 16 -8.50 1.96 15.55
CA GLU A 16 -9.86 2.16 16.03
C GLU A 16 -10.11 1.34 17.29
N GLU A 17 -9.51 0.15 17.38
CA GLU A 17 -9.62 -0.63 18.61
C GLU A 17 -8.90 0.06 19.77
N VAL A 18 -7.77 0.70 19.49
CA VAL A 18 -7.03 1.41 20.53
C VAL A 18 -7.80 2.65 20.97
N LEU A 19 -8.36 3.40 20.01
CA LEU A 19 -9.10 4.60 20.34
C LEU A 19 -10.45 4.30 20.98
N ASN A 20 -10.96 3.08 20.81
CA ASN A 20 -12.20 2.65 21.46
C ASN A 20 -12.01 1.20 21.90
N PRO A 21 -11.51 0.99 23.12
CA PRO A 21 -11.23 -0.39 23.56
C PRO A 21 -12.48 -1.25 23.70
N SER A 22 -13.67 -0.69 23.56
CA SER A 22 -14.87 -1.51 23.57
C SER A 22 -15.01 -2.38 22.33
N LEU A 23 -14.13 -2.22 21.34
CA LEU A 23 -14.27 -2.90 20.06
C LEU A 23 -13.45 -4.19 19.98
N LYS A 24 -12.45 -4.37 20.84
CA LYS A 24 -11.61 -5.55 20.74
C LYS A 24 -12.39 -6.81 21.09
N GLY A 25 -12.19 -7.85 20.29
CA GLY A 25 -12.95 -9.07 20.36
C GLY A 25 -14.10 -9.13 19.37
N LYS A 26 -14.61 -7.96 18.93
CA LYS A 26 -15.67 -7.80 17.95
C LYS A 26 -15.09 -7.64 16.55
N PRO A 27 -15.84 -8.06 15.53
CA PRO A 27 -15.39 -7.81 14.15
C PRO A 27 -15.50 -6.33 13.81
N VAL A 28 -14.41 -5.79 13.26
CA VAL A 28 -14.31 -4.36 12.96
C VAL A 28 -13.91 -4.22 11.49
N VAL A 29 -14.68 -3.42 10.75
CA VAL A 29 -14.46 -3.20 9.33
C VAL A 29 -14.34 -1.70 9.09
N VAL A 30 -13.18 -1.26 8.60
CA VAL A 30 -12.93 0.13 8.26
C VAL A 30 -13.21 0.32 6.78
N CYS A 31 -14.20 1.15 6.47
CA CYS A 31 -14.72 1.27 5.11
C CYS A 31 -14.42 2.64 4.53
N VAL A 32 -14.69 2.77 3.24
CA VAL A 32 -14.57 4.02 2.50
C VAL A 32 -15.89 4.23 1.78
N PHE A 33 -16.67 5.22 2.23
CA PHE A 33 -17.98 5.50 1.67
C PHE A 33 -17.86 6.56 0.60
N SER A 34 -18.16 6.18 -0.66
CA SER A 34 -18.14 7.16 -1.73
C SER A 34 -19.28 8.17 -1.61
N GLY A 35 -20.44 7.72 -1.13
CA GLY A 35 -21.55 8.60 -0.89
C GLY A 35 -22.61 8.64 -1.97
N ARG A 36 -22.71 7.61 -2.81
CA ARG A 36 -23.75 7.57 -3.83
C ARG A 36 -25.05 7.08 -3.23
N PHE A 37 -25.17 5.77 -2.99
CA PHE A 37 -26.28 5.26 -2.20
C PHE A 37 -25.82 5.11 -0.75
N GLU A 38 -26.62 4.43 0.06
CA GLU A 38 -26.42 4.50 1.51
C GLU A 38 -25.14 3.76 1.94
N ASP A 39 -24.88 2.60 1.37
CA ASP A 39 -23.71 1.79 1.73
C ASP A 39 -22.79 1.58 0.54
N SER A 40 -22.66 2.60 -0.30
CA SER A 40 -21.78 2.52 -1.47
C SER A 40 -20.34 2.76 -1.06
N GLY A 41 -19.46 1.86 -1.44
CA GLY A 41 -18.05 1.99 -1.15
C GLY A 41 -17.37 0.65 -1.08
N ALA A 42 -16.19 0.64 -0.46
CA ALA A 42 -15.35 -0.55 -0.38
C ALA A 42 -14.78 -0.70 1.02
N VAL A 43 -14.26 -1.89 1.30
CA VAL A 43 -13.64 -2.19 2.57
C VAL A 43 -12.14 -1.92 2.46
N ALA A 44 -11.61 -1.12 3.38
CA ALA A 44 -10.18 -0.81 3.40
C ALA A 44 -9.39 -1.71 4.34
N THR A 45 -9.94 -2.06 5.51
CA THR A 45 -9.25 -2.90 6.46
C THR A 45 -10.29 -3.61 7.33
N ALA A 46 -10.05 -4.89 7.60
CA ALA A 46 -10.87 -5.68 8.51
C ALA A 46 -9.96 -6.43 9.47
N ASN A 47 -10.32 -6.44 10.74
CA ASN A 47 -9.51 -7.16 11.72
C ASN A 47 -9.67 -8.67 11.51
N TYR A 48 -8.94 -9.44 12.31
CA TYR A 48 -8.90 -10.88 12.08
C TYR A 48 -10.18 -11.58 12.52
N GLU A 49 -10.92 -10.99 13.47
CA GLU A 49 -12.23 -11.53 13.81
C GLU A 49 -13.26 -11.29 12.71
N ALA A 50 -12.95 -10.40 11.76
CA ALA A 50 -13.79 -10.21 10.57
C ALA A 50 -13.24 -10.91 9.34
N ARG A 51 -11.91 -11.06 9.25
CA ARG A 51 -11.31 -11.76 8.12
C ARG A 51 -11.66 -13.25 8.14
N LYS A 52 -11.92 -13.80 9.33
CA LYS A 52 -12.22 -15.24 9.42
C LYS A 52 -13.53 -15.58 8.72
N PHE A 53 -14.46 -14.63 8.63
CA PHE A 53 -15.73 -14.85 7.97
C PHE A 53 -15.74 -14.36 6.52
N GLY A 54 -14.57 -14.07 5.96
CA GLY A 54 -14.47 -13.71 4.57
C GLY A 54 -14.52 -12.23 4.26
N VAL A 55 -14.51 -11.37 5.27
CA VAL A 55 -14.51 -9.93 5.05
C VAL A 55 -13.05 -9.49 4.89
N LYS A 56 -12.69 -9.06 3.69
CA LYS A 56 -11.33 -8.67 3.38
C LYS A 56 -11.31 -7.34 2.65
N ALA A 57 -10.13 -6.72 2.62
CA ALA A 57 -9.98 -5.43 1.96
C ALA A 57 -10.23 -5.56 0.47
N GLY A 58 -11.01 -4.62 -0.07
CA GLY A 58 -11.29 -4.61 -1.49
C GLY A 58 -12.74 -4.82 -1.84
N ILE A 59 -13.42 -5.71 -1.11
CA ILE A 59 -14.80 -6.07 -1.41
C ILE A 59 -15.72 -4.90 -1.11
N PRO A 60 -16.90 -4.83 -1.74
CA PRO A 60 -17.85 -3.76 -1.43
C PRO A 60 -18.38 -3.87 -0.01
N ILE A 61 -18.88 -2.75 0.50
CA ILE A 61 -19.37 -2.70 1.87
C ILE A 61 -20.64 -3.52 2.03
N VAL A 62 -21.50 -3.52 1.00
CA VAL A 62 -22.74 -4.29 1.09
C VAL A 62 -22.46 -5.78 1.05
N GLU A 63 -21.38 -6.20 0.39
CA GLU A 63 -20.98 -7.61 0.44
C GLU A 63 -20.49 -7.98 1.83
N ALA A 64 -19.79 -7.06 2.49
CA ALA A 64 -19.39 -7.28 3.88
C ALA A 64 -20.61 -7.28 4.79
N LYS A 65 -21.55 -6.35 4.56
CA LYS A 65 -22.74 -6.26 5.40
C LYS A 65 -23.70 -7.43 5.18
N LYS A 66 -23.55 -8.17 4.08
CA LYS A 66 -24.31 -9.39 3.90
C LYS A 66 -23.76 -10.52 4.77
N ILE A 67 -22.45 -10.51 5.02
CA ILE A 67 -21.84 -11.55 5.84
C ILE A 67 -21.97 -11.22 7.32
N LEU A 68 -21.48 -10.04 7.72
CA LEU A 68 -21.51 -9.58 9.11
C LEU A 68 -22.35 -8.31 9.16
N PRO A 69 -23.68 -8.43 9.21
CA PRO A 69 -24.52 -7.22 9.16
C PRO A 69 -24.42 -6.36 10.39
N ASN A 70 -24.06 -6.93 11.55
CA ASN A 70 -23.99 -6.19 12.80
C ASN A 70 -22.57 -5.99 13.27
N ALA A 71 -21.57 -6.24 12.42
CA ALA A 71 -20.21 -5.86 12.76
C ALA A 71 -20.08 -4.35 12.83
N VAL A 72 -18.99 -3.89 13.42
CA VAL A 72 -18.75 -2.45 13.55
C VAL A 72 -18.13 -1.94 12.26
N TYR A 73 -18.88 -1.11 11.54
CA TYR A 73 -18.42 -0.50 10.29
C TYR A 73 -18.13 0.97 10.57
N LEU A 74 -16.86 1.34 10.52
CA LEU A 74 -16.45 2.70 10.82
C LEU A 74 -15.85 3.37 9.59
N PRO A 75 -16.01 4.68 9.46
CA PRO A 75 -15.40 5.38 8.32
C PRO A 75 -13.90 5.50 8.51
N MET A 76 -13.19 5.49 7.38
CA MET A 76 -11.73 5.58 7.43
C MET A 76 -11.29 6.99 7.81
N ARG A 77 -10.40 7.07 8.80
CA ARG A 77 -9.81 8.33 9.23
C ARG A 77 -8.30 8.22 8.98
N LYS A 78 -7.91 8.42 7.73
CA LYS A 78 -6.51 8.27 7.34
C LYS A 78 -5.60 9.21 8.12
N GLU A 79 -6.06 10.44 8.37
CA GLU A 79 -5.23 11.41 9.07
C GLU A 79 -4.89 10.95 10.48
N VAL A 80 -5.80 10.22 11.13
CA VAL A 80 -5.51 9.69 12.46
C VAL A 80 -4.49 8.55 12.36
N TYR A 81 -4.69 7.64 11.40
CA TYR A 81 -3.77 6.52 11.26
C TYR A 81 -2.37 6.99 10.85
N GLN A 82 -2.29 8.06 10.06
CA GLN A 82 -0.98 8.55 9.63
C GLN A 82 -0.21 9.14 10.81
N GLN A 83 -0.90 9.81 11.74
CA GLN A 83 -0.23 10.38 12.89
C GLN A 83 0.25 9.29 13.85
N VAL A 84 -0.59 8.28 14.09
CA VAL A 84 -0.17 7.15 14.91
C VAL A 84 0.99 6.42 14.25
N SER A 85 0.88 6.19 12.94
CA SER A 85 1.96 5.52 12.21
C SER A 85 3.27 6.29 12.33
N SER A 86 3.20 7.62 12.19
CA SER A 86 4.42 8.43 12.28
C SER A 86 5.04 8.35 13.67
N ARG A 87 4.22 8.23 14.71
CA ARG A 87 4.77 8.07 16.06
C ARG A 87 5.51 6.75 16.18
N ILE A 88 4.93 5.67 15.66
CA ILE A 88 5.57 4.36 15.75
C ILE A 88 6.85 4.34 14.91
N MET A 89 6.82 4.98 13.74
CA MET A 89 8.02 5.04 12.91
C MET A 89 9.17 5.73 13.65
N ASN A 90 8.85 6.76 14.44
CA ASN A 90 9.89 7.45 15.19
C ASN A 90 10.48 6.56 16.28
N LEU A 91 9.68 5.65 16.85
CA LEU A 91 10.23 4.66 17.76
C LEU A 91 11.18 3.71 17.04
N LEU A 92 10.85 3.36 15.79
CA LEU A 92 11.68 2.42 15.05
C LEU A 92 13.05 3.00 14.72
N ARG A 93 13.12 4.30 14.42
CA ARG A 93 14.39 4.90 14.06
C ARG A 93 15.34 5.03 15.25
N GLU A 94 14.85 4.83 16.48
CA GLU A 94 15.75 4.77 17.62
C GLU A 94 16.51 3.46 17.70
N TYR A 95 16.11 2.45 16.92
CA TYR A 95 16.81 1.17 16.87
C TYR A 95 17.76 1.06 15.70
N SER A 96 17.56 1.86 14.64
CA SER A 96 18.47 1.87 13.50
C SER A 96 18.21 3.12 12.68
N GLU A 97 19.30 3.67 12.11
CA GLU A 97 19.16 4.85 11.26
C GLU A 97 18.80 4.45 9.84
N LYS A 98 19.34 3.33 9.34
CA LYS A 98 19.03 2.83 8.01
C LYS A 98 17.64 2.22 8.05
N ILE A 99 16.64 3.04 7.76
CA ILE A 99 15.23 2.65 7.86
C ILE A 99 14.54 2.96 6.52
N GLU A 100 13.68 2.05 6.08
CA GLU A 100 12.92 2.21 4.85
C GLU A 100 11.44 2.07 5.16
N ILE A 101 10.75 3.20 5.28
CA ILE A 101 9.30 3.20 5.50
C ILE A 101 8.63 2.82 4.18
N ALA A 102 8.15 1.58 4.11
CA ALA A 102 7.59 1.04 2.86
C ALA A 102 6.14 1.43 2.65
N SER A 103 5.37 1.60 3.71
CA SER A 103 3.96 1.98 3.61
C SER A 103 3.55 2.62 4.93
N ILE A 104 2.25 2.84 5.10
CA ILE A 104 1.76 3.43 6.33
C ILE A 104 1.86 2.47 7.50
N ASP A 105 2.00 1.16 7.24
CA ASP A 105 1.96 0.17 8.30
C ASP A 105 3.17 -0.78 8.28
N GLU A 106 4.25 -0.41 7.60
CA GLU A 106 5.39 -1.30 7.56
C GLU A 106 6.66 -0.50 7.26
N ALA A 107 7.79 -1.03 7.72
CA ALA A 107 9.09 -0.42 7.50
C ALA A 107 10.18 -1.48 7.59
N TYR A 108 11.28 -1.24 6.89
CA TYR A 108 12.43 -2.14 6.88
C TYR A 108 13.55 -1.53 7.70
N LEU A 109 14.18 -2.34 8.55
CA LEU A 109 15.29 -1.91 9.39
C LEU A 109 16.54 -2.71 9.01
N ASP A 110 17.62 -2.01 8.68
CA ASP A 110 18.91 -2.64 8.43
C ASP A 110 19.69 -2.63 9.73
N ILE A 111 19.75 -3.79 10.39
CA ILE A 111 20.40 -3.90 11.69
C ILE A 111 21.70 -4.68 11.55
N SER A 112 22.36 -4.53 10.39
CA SER A 112 23.60 -5.26 10.15
C SER A 112 24.72 -4.78 11.06
N ASP A 113 24.79 -3.48 11.33
CA ASP A 113 25.85 -2.91 12.15
C ASP A 113 25.50 -2.86 13.63
N LYS A 114 24.33 -3.34 14.02
CA LYS A 114 23.93 -3.37 15.42
C LYS A 114 23.79 -4.76 15.99
N VAL A 115 23.83 -5.79 15.16
CA VAL A 115 23.51 -7.15 15.58
C VAL A 115 24.42 -8.12 14.83
N ARG A 116 24.93 -9.12 15.55
CA ARG A 116 25.90 -10.04 14.97
C ARG A 116 25.22 -11.18 14.22
N ASP A 117 24.30 -11.89 14.86
CA ASP A 117 23.66 -13.06 14.26
C ASP A 117 22.15 -12.97 14.36
N TYR A 118 21.45 -14.04 13.98
CA TYR A 118 19.99 -14.01 14.01
C TYR A 118 19.44 -14.10 15.42
N ARG A 119 20.23 -14.58 16.38
CA ARG A 119 19.76 -14.63 17.77
C ARG A 119 19.68 -13.22 18.36
N GLU A 120 20.70 -12.40 18.12
CA GLU A 120 20.65 -11.02 18.59
C GLU A 120 19.54 -10.23 17.91
N ALA A 121 19.28 -10.52 16.63
CA ALA A 121 18.22 -9.83 15.92
C ALA A 121 16.84 -10.24 16.46
N TYR A 122 16.67 -11.52 16.76
CA TYR A 122 15.41 -11.98 17.33
C TYR A 122 15.13 -11.31 18.67
N ASN A 123 16.17 -11.15 19.50
CA ASN A 123 15.99 -10.45 20.77
C ASN A 123 15.72 -8.97 20.56
N LEU A 124 16.28 -8.38 19.49
CA LEU A 124 15.99 -6.99 19.18
C LEU A 124 14.55 -6.82 18.73
N GLY A 125 14.03 -7.78 17.95
CA GLY A 125 12.64 -7.70 17.54
C GLY A 125 11.67 -7.80 18.70
N LEU A 126 12.00 -8.64 19.69
CA LEU A 126 11.16 -8.77 20.87
C LEU A 126 11.09 -7.45 21.63
N GLU A 127 12.21 -6.74 21.73
CA GLU A 127 12.20 -5.44 22.40
C GLU A 127 11.46 -4.39 21.58
N ILE A 128 11.54 -4.48 20.25
CA ILE A 128 10.79 -3.54 19.40
C ILE A 128 9.29 -3.79 19.54
N LYS A 129 8.87 -5.05 19.61
CA LYS A 129 7.46 -5.37 19.79
C LYS A 129 6.95 -4.85 21.13
N ASN A 130 7.73 -5.08 22.20
CA ASN A 130 7.30 -4.64 23.52
C ASN A 130 7.21 -3.12 23.59
N LYS A 131 8.18 -2.42 23.01
CA LYS A 131 8.19 -0.96 23.07
C LYS A 131 6.95 -0.37 22.37
N ILE A 132 6.65 -0.87 21.16
CA ILE A 132 5.47 -0.39 20.45
C ILE A 132 4.21 -0.72 21.24
N LEU A 133 4.16 -1.91 21.83
CA LEU A 133 3.00 -2.27 22.64
C LEU A 133 2.93 -1.45 23.92
N GLU A 134 4.08 -1.11 24.50
CA GLU A 134 4.09 -0.35 25.74
C GLU A 134 3.71 1.10 25.51
N LYS A 135 4.18 1.69 24.41
CA LYS A 135 4.02 3.13 24.20
C LYS A 135 2.79 3.49 23.37
N GLU A 136 2.27 2.57 22.54
CA GLU A 136 1.13 2.86 21.70
C GLU A 136 0.02 1.82 21.76
N LYS A 137 0.19 0.75 22.53
CA LYS A 137 -0.79 -0.33 22.64
C LYS A 137 -1.08 -0.96 21.27
N ILE A 138 -0.09 -0.97 20.39
CA ILE A 138 -0.22 -1.54 19.06
C ILE A 138 0.65 -2.79 18.98
N THR A 139 0.06 -3.88 18.45
CA THR A 139 0.79 -5.11 18.23
C THR A 139 1.27 -5.16 16.78
N VAL A 140 2.51 -5.64 16.59
CA VAL A 140 3.13 -5.72 15.29
C VAL A 140 3.66 -7.13 15.07
N THR A 141 4.03 -7.42 13.83
CA THR A 141 4.69 -8.68 13.47
C THR A 141 6.08 -8.35 12.93
N VAL A 142 7.08 -9.12 13.36
CA VAL A 142 8.48 -8.86 13.07
C VAL A 142 9.00 -9.98 12.17
N GLY A 143 9.67 -9.60 11.10
CA GLY A 143 10.31 -10.54 10.20
C GLY A 143 11.79 -10.23 10.05
N ILE A 144 12.61 -11.27 10.10
CA ILE A 144 14.06 -11.14 10.05
C ILE A 144 14.60 -12.15 9.05
N SER A 145 15.45 -11.69 8.14
CA SER A 145 16.08 -12.58 7.16
C SER A 145 17.28 -11.85 6.56
N LYS A 146 17.77 -12.35 5.42
CA LYS A 146 18.97 -11.82 4.78
C LYS A 146 18.70 -10.67 3.83
N ASN A 147 17.45 -10.47 3.43
CA ASN A 147 17.10 -9.36 2.54
C ASN A 147 15.69 -8.89 2.86
N LYS A 148 15.26 -7.83 2.18
CA LYS A 148 13.97 -7.22 2.47
C LYS A 148 12.82 -8.15 2.10
N VAL A 149 12.95 -8.89 1.00
CA VAL A 149 11.85 -9.71 0.52
C VAL A 149 11.54 -10.83 1.50
N PHE A 150 12.56 -11.57 1.93
CA PHE A 150 12.34 -12.68 2.84
C PHE A 150 12.07 -12.22 4.27
N ALA A 151 12.53 -11.02 4.65
CA ALA A 151 12.12 -10.46 5.93
C ALA A 151 10.63 -10.18 5.94
N LYS A 152 10.09 -9.66 4.84
CA LYS A 152 8.65 -9.44 4.74
C LYS A 152 7.90 -10.76 4.68
N ILE A 153 8.47 -11.78 4.03
CA ILE A 153 7.81 -13.08 3.97
C ILE A 153 7.71 -13.68 5.37
N ALA A 154 8.76 -13.53 6.18
CA ALA A 154 8.71 -14.02 7.55
C ALA A 154 7.54 -13.42 8.32
N ALA A 155 7.36 -12.10 8.21
CA ALA A 155 6.24 -11.46 8.89
C ALA A 155 4.91 -11.89 8.30
N ASP A 156 4.89 -12.19 6.99
CA ASP A 156 3.66 -12.67 6.37
C ASP A 156 3.23 -14.01 6.93
N MET A 157 4.18 -14.85 7.35
CA MET A 157 3.84 -16.18 7.83
C MET A 157 3.46 -16.19 9.30
N ALA A 158 4.00 -15.25 10.08
CA ALA A 158 3.81 -15.25 11.53
C ALA A 158 2.82 -14.19 12.01
N LYS A 159 2.16 -13.48 11.09
CA LYS A 159 1.17 -12.50 11.49
C LYS A 159 -0.10 -13.18 11.98
N PRO A 160 -0.82 -12.57 12.95
CA PRO A 160 -0.48 -11.31 13.61
C PRO A 160 0.21 -11.52 14.95
N ASN A 161 0.81 -10.45 15.49
CA ASN A 161 1.47 -10.48 16.80
C ASN A 161 2.47 -11.63 16.87
N GLY A 162 3.36 -11.67 15.88
CA GLY A 162 4.32 -12.76 15.77
C GLY A 162 5.73 -12.25 15.51
N ILE A 163 6.65 -13.20 15.46
CA ILE A 163 8.04 -12.94 15.13
C ILE A 163 8.61 -14.20 14.50
N LYS A 164 9.44 -14.03 13.47
CA LYS A 164 9.96 -15.18 12.74
C LYS A 164 11.27 -14.80 12.07
N VAL A 165 12.24 -15.71 12.15
CA VAL A 165 13.53 -15.56 11.50
C VAL A 165 13.64 -16.60 10.41
N ILE A 166 13.99 -16.18 9.20
CA ILE A 166 14.24 -17.07 8.08
C ILE A 166 15.75 -17.12 7.88
N ASP A 167 16.37 -18.23 8.28
CA ASP A 167 17.81 -18.38 8.18
C ASP A 167 18.22 -18.64 6.73
N ASP A 168 19.53 -18.79 6.52
CA ASP A 168 20.04 -18.98 5.16
C ASP A 168 19.59 -20.31 4.57
N GLU A 169 19.28 -21.30 5.41
CA GLU A 169 18.86 -22.59 4.91
C GLU A 169 17.39 -22.60 4.51
N GLU A 170 16.54 -21.92 5.27
CA GLU A 170 15.12 -21.85 4.90
C GLU A 170 14.90 -21.00 3.67
N VAL A 171 15.80 -20.04 3.40
CA VAL A 171 15.72 -19.26 2.17
C VAL A 171 15.81 -20.18 0.96
N LYS A 172 16.85 -21.02 0.92
CA LYS A 172 17.00 -21.97 -0.19
C LYS A 172 15.86 -22.97 -0.22
N ARG A 173 15.26 -23.26 0.94
CA ARG A 173 14.09 -24.13 0.96
C ARG A 173 12.85 -23.42 0.46
N LEU A 174 12.63 -22.17 0.90
CA LEU A 174 11.47 -21.41 0.45
C LEU A 174 11.53 -21.11 -1.04
N ILE A 175 12.74 -21.01 -1.61
CA ILE A 175 12.87 -20.80 -3.04
C ILE A 175 12.17 -21.92 -3.80
N ARG A 176 12.22 -23.15 -3.26
CA ARG A 176 11.64 -24.31 -3.93
C ARG A 176 10.16 -24.53 -3.59
N GLU A 177 9.76 -24.26 -2.34
CA GLU A 177 8.42 -24.66 -1.89
C GLU A 177 7.62 -23.50 -1.31
N LEU A 178 7.77 -22.29 -1.86
CA LEU A 178 6.91 -21.18 -1.51
C LEU A 178 6.09 -20.77 -2.72
N ASP A 179 4.80 -20.51 -2.49
CA ASP A 179 3.91 -20.09 -3.57
C ASP A 179 4.39 -18.77 -4.16
N ILE A 180 4.55 -18.76 -5.49
CA ILE A 180 4.99 -17.56 -6.18
C ILE A 180 4.02 -16.40 -5.99
N ALA A 181 2.76 -16.70 -5.68
CA ALA A 181 1.77 -15.64 -5.48
C ALA A 181 1.96 -14.91 -4.16
N ASP A 182 2.64 -15.53 -3.20
CA ASP A 182 2.88 -14.93 -1.90
C ASP A 182 4.24 -14.23 -1.82
N VAL A 183 4.84 -13.93 -2.96
CA VAL A 183 6.07 -13.14 -2.98
C VAL A 183 5.70 -11.66 -2.93
N PRO A 184 6.37 -10.86 -2.11
CA PRO A 184 6.05 -9.43 -2.05
C PRO A 184 6.15 -8.77 -3.43
N GLY A 185 5.18 -7.91 -3.72
CA GLY A 185 5.10 -7.25 -5.00
C GLY A 185 4.31 -8.01 -6.05
N ILE A 186 4.04 -9.30 -5.83
CA ILE A 186 3.28 -10.10 -6.77
C ILE A 186 1.81 -10.01 -6.36
N GLY A 187 1.07 -9.12 -7.01
CA GLY A 187 -0.34 -8.97 -6.76
C GLY A 187 -1.15 -10.03 -7.49
N ASN A 188 -2.47 -9.80 -7.53
CA ASN A 188 -3.39 -10.80 -8.07
C ASN A 188 -3.21 -10.96 -9.57
N ILE A 189 -3.07 -9.85 -10.31
CA ILE A 189 -3.00 -9.94 -11.76
C ILE A 189 -1.76 -10.70 -12.20
N THR A 190 -0.61 -10.40 -11.60
CA THR A 190 0.61 -11.13 -11.96
C THR A 190 0.58 -12.57 -11.47
N ALA A 191 -0.12 -12.84 -10.37
CA ALA A 191 -0.18 -14.19 -9.84
C ALA A 191 -0.96 -15.13 -10.76
N GLU A 192 -2.20 -14.76 -11.10
CA GLU A 192 -2.97 -15.56 -12.04
C GLU A 192 -2.27 -15.64 -13.39
N LYS A 193 -1.63 -14.55 -13.80
CA LYS A 193 -0.84 -14.52 -15.02
C LYS A 193 0.34 -15.49 -14.95
N LEU A 194 0.91 -15.67 -13.76
CA LEU A 194 2.03 -16.60 -13.58
C LEU A 194 1.57 -18.05 -13.53
N LYS A 195 0.33 -18.30 -13.09
CA LYS A 195 -0.19 -19.66 -13.09
C LYS A 195 -0.42 -20.20 -14.50
N LYS A 196 -0.57 -19.31 -15.48
CA LYS A 196 -0.79 -19.73 -16.87
C LYS A 196 0.48 -20.19 -17.55
N LEU A 197 1.62 -20.22 -16.84
CA LEU A 197 2.87 -20.74 -17.37
C LEU A 197 3.40 -21.90 -16.55
N GLY A 198 2.59 -22.44 -15.64
CA GLY A 198 3.05 -23.45 -14.72
C GLY A 198 3.91 -22.95 -13.59
N ILE A 199 4.31 -21.67 -13.61
CA ILE A 199 5.11 -21.08 -12.55
C ILE A 199 4.26 -21.01 -11.28
N ASN A 200 4.51 -21.92 -10.35
CA ASN A 200 3.84 -21.91 -9.06
C ASN A 200 4.81 -21.67 -7.90
N LYS A 201 6.05 -22.14 -8.01
CA LYS A 201 7.06 -21.91 -7.00
C LYS A 201 8.15 -20.99 -7.55
N LEU A 202 8.93 -20.41 -6.63
CA LEU A 202 9.93 -19.43 -7.02
C LEU A 202 11.04 -20.07 -7.86
N VAL A 203 11.40 -21.31 -7.56
CA VAL A 203 12.47 -21.99 -8.27
C VAL A 203 12.14 -22.20 -9.74
N ASP A 204 10.87 -22.21 -10.11
CA ASP A 204 10.48 -22.55 -11.48
C ASP A 204 10.84 -21.46 -12.47
N THR A 205 11.10 -20.23 -12.02
CA THR A 205 11.45 -19.16 -12.94
C THR A 205 12.81 -19.37 -13.58
N LEU A 206 13.67 -20.19 -12.98
CA LEU A 206 14.97 -20.48 -13.57
C LEU A 206 14.85 -21.48 -14.72
N SER A 207 13.99 -22.48 -14.56
CA SER A 207 13.81 -23.50 -15.59
C SER A 207 13.01 -23.01 -16.79
N ILE A 208 12.63 -21.74 -16.82
CA ILE A 208 12.00 -21.14 -17.98
C ILE A 208 13.04 -20.27 -18.69
N GLU A 209 12.69 -19.80 -19.88
CA GLU A 209 13.54 -18.89 -20.62
C GLU A 209 13.12 -17.45 -20.36
N PHE A 210 14.10 -16.54 -20.38
CA PHE A 210 13.87 -15.19 -19.89
C PHE A 210 12.87 -14.44 -20.75
N ASP A 211 13.00 -14.52 -22.07
CA ASP A 211 12.15 -13.73 -22.96
C ASP A 211 10.69 -14.19 -22.88
N LYS A 212 10.45 -15.45 -22.57
CA LYS A 212 9.08 -15.91 -22.33
C LYS A 212 8.50 -15.26 -21.08
N LEU A 213 9.27 -15.26 -19.99
CA LEU A 213 8.84 -14.62 -18.76
C LEU A 213 8.77 -13.10 -18.90
N LYS A 214 9.66 -12.51 -19.72
CA LYS A 214 9.67 -11.07 -19.88
C LYS A 214 8.43 -10.57 -20.61
N GLY A 215 8.03 -11.26 -21.68
CA GLY A 215 6.89 -10.81 -22.46
C GLY A 215 5.56 -10.94 -21.76
N MET A 216 5.47 -11.81 -20.74
CA MET A 216 4.19 -12.04 -20.08
C MET A 216 3.99 -11.12 -18.89
N ILE A 217 4.90 -11.15 -17.92
CA ILE A 217 4.77 -10.42 -16.67
C ILE A 217 5.64 -9.17 -16.65
N GLY A 218 6.29 -8.84 -17.76
CA GLY A 218 7.09 -7.63 -17.80
C GLY A 218 8.53 -7.88 -17.40
N GLU A 219 9.42 -7.04 -17.94
CA GLU A 219 10.85 -7.21 -17.68
C GLU A 219 11.20 -6.91 -16.23
N ALA A 220 10.53 -5.93 -15.62
CA ALA A 220 10.83 -5.55 -14.25
C ALA A 220 10.61 -6.72 -13.30
N LYS A 221 9.37 -7.23 -13.24
CA LYS A 221 9.08 -8.35 -12.35
C LYS A 221 9.79 -9.63 -12.77
N ALA A 222 10.24 -9.71 -14.03
CA ALA A 222 10.99 -10.88 -14.48
C ALA A 222 12.36 -10.95 -13.80
N LYS A 223 13.16 -9.87 -13.95
CA LYS A 223 14.45 -9.83 -13.27
C LYS A 223 14.28 -9.91 -11.76
N TYR A 224 13.18 -9.38 -11.24
CA TYR A 224 12.93 -9.42 -9.80
C TYR A 224 12.81 -10.85 -9.30
N LEU A 225 11.98 -11.67 -9.97
CA LEU A 225 11.81 -13.05 -9.54
C LEU A 225 13.04 -13.90 -9.84
N ILE A 226 13.78 -13.57 -10.90
CA ILE A 226 14.98 -14.35 -11.22
C ILE A 226 16.04 -14.16 -10.15
N SER A 227 16.30 -12.90 -9.77
CA SER A 227 17.30 -12.63 -8.74
C SER A 227 16.95 -13.30 -7.43
N LEU A 228 15.67 -13.36 -7.09
CA LEU A 228 15.25 -14.06 -5.88
C LEU A 228 15.51 -15.56 -6.00
N ALA A 229 15.20 -16.14 -7.16
CA ALA A 229 15.42 -17.58 -7.33
C ALA A 229 16.90 -17.93 -7.32
N ARG A 230 17.76 -17.02 -7.76
CA ARG A 230 19.20 -17.23 -7.68
C ARG A 230 19.78 -16.92 -6.30
N ASP A 231 18.93 -16.50 -5.36
CA ASP A 231 19.38 -16.03 -4.04
C ASP A 231 20.41 -14.92 -4.19
N GLU A 232 20.19 -14.04 -5.17
CA GLU A 232 21.08 -12.92 -5.43
C GLU A 232 20.43 -11.57 -5.14
N TYR A 233 19.22 -11.56 -4.57
CA TYR A 233 18.55 -10.33 -4.21
C TYR A 233 19.19 -9.75 -2.96
N ASN A 234 19.63 -8.50 -3.03
CA ASN A 234 20.28 -7.85 -1.90
C ASN A 234 20.07 -6.33 -2.00
N GLU A 235 18.83 -5.92 -2.21
CA GLU A 235 18.54 -4.51 -2.37
C GLU A 235 18.75 -3.77 -1.05
N PRO A 236 19.39 -2.60 -1.08
CA PRO A 236 19.69 -1.89 0.17
C PRO A 236 18.45 -1.23 0.75
N ILE A 237 18.54 -0.95 2.04
CA ILE A 237 17.47 -0.23 2.75
C ILE A 237 17.72 1.26 2.54
N ARG A 238 16.83 1.90 1.81
CA ARG A 238 17.01 3.30 1.41
C ARG A 238 15.85 4.14 1.93
N THR A 239 16.14 5.40 2.20
CA THR A 239 15.11 6.34 2.61
C THR A 239 14.12 6.56 1.46
N ARG A 240 12.85 6.25 1.72
CA ARG A 240 11.79 6.42 0.74
C ARG A 240 11.08 7.74 0.98
N VAL A 241 10.89 8.51 -0.08
CA VAL A 241 10.20 9.79 0.01
C VAL A 241 8.90 9.69 -0.80
N ARG A 242 7.89 10.44 -0.35
CA ARG A 242 6.62 10.48 -1.05
C ARG A 242 6.78 11.25 -2.35
N LYS A 243 6.43 10.62 -3.47
CA LYS A 243 6.62 11.20 -4.79
C LYS A 243 5.35 11.80 -5.38
N SER A 244 4.18 11.34 -4.96
CA SER A 244 2.90 11.81 -5.48
C SER A 244 1.97 12.16 -4.32
N ILE A 245 1.17 13.21 -4.51
CA ILE A 245 0.07 13.52 -3.62
C ILE A 245 -1.11 13.96 -4.47
N GLY A 246 -2.26 13.31 -4.28
CA GLY A 246 -3.43 13.65 -5.05
C GLY A 246 -4.69 13.24 -4.31
N ARG A 247 -5.82 13.67 -4.86
CA ARG A 247 -7.12 13.36 -4.27
C ARG A 247 -8.13 13.18 -5.38
N ILE A 248 -8.86 12.06 -5.35
CA ILE A 248 -9.91 11.78 -6.30
C ILE A 248 -11.23 11.70 -5.54
N VAL A 249 -12.29 12.26 -6.12
CA VAL A 249 -13.61 12.30 -5.50
C VAL A 249 -14.62 11.67 -6.44
N THR A 250 -15.53 10.89 -5.88
CA THR A 250 -16.67 10.38 -6.63
C THR A 250 -17.72 11.48 -6.71
N MET A 251 -18.02 11.92 -7.94
CA MET A 251 -19.05 12.93 -8.12
C MET A 251 -20.43 12.34 -7.88
N LYS A 252 -21.26 13.07 -7.17
CA LYS A 252 -22.69 12.80 -7.22
C LYS A 252 -23.16 13.02 -8.65
N ARG A 253 -23.71 11.96 -9.25
CA ARG A 253 -24.13 11.93 -10.65
C ARG A 253 -22.96 11.82 -11.62
N ASN A 254 -23.05 10.91 -12.58
CA ASN A 254 -22.12 10.90 -13.71
C ASN A 254 -22.40 12.11 -14.59
N SER A 255 -21.37 12.58 -15.28
CA SER A 255 -21.52 13.77 -16.11
C SER A 255 -20.40 13.87 -17.12
N ARG A 256 -20.69 14.57 -18.22
CA ARG A 256 -19.69 15.04 -19.16
C ARG A 256 -19.72 16.57 -19.27
N ASN A 257 -20.40 17.22 -18.32
CA ASN A 257 -20.56 18.67 -18.34
C ASN A 257 -19.37 19.33 -17.65
N LEU A 258 -18.69 20.22 -18.37
CA LEU A 258 -17.50 20.86 -17.83
C LEU A 258 -17.83 21.65 -16.56
N GLU A 259 -18.88 22.47 -16.60
CA GLU A 259 -19.23 23.27 -15.43
C GLU A 259 -19.70 22.40 -14.27
N GLU A 260 -20.23 21.22 -14.56
CA GLU A 260 -20.68 20.33 -13.50
C GLU A 260 -19.51 19.60 -12.82
N ILE A 261 -18.45 19.32 -13.56
CA ILE A 261 -17.31 18.60 -13.00
C ILE A 261 -16.32 19.55 -12.32
N LYS A 262 -16.23 20.80 -12.78
CA LYS A 262 -15.26 21.75 -12.24
C LYS A 262 -15.31 21.90 -10.72
N PRO A 263 -16.47 21.98 -10.06
CA PRO A 263 -16.46 22.12 -8.59
C PRO A 263 -15.76 20.96 -7.89
N TYR A 264 -16.00 19.73 -8.32
CA TYR A 264 -15.32 18.59 -7.74
C TYR A 264 -13.81 18.66 -8.00
N LEU A 265 -13.42 18.99 -9.23
CA LEU A 265 -12.01 19.05 -9.57
C LEU A 265 -11.30 20.17 -8.81
N PHE A 266 -11.95 21.32 -8.66
CA PHE A 266 -11.35 22.40 -7.89
C PHE A 266 -11.27 22.07 -6.41
N ARG A 267 -12.23 21.30 -5.90
CA ARG A 267 -12.15 20.83 -4.52
C ARG A 267 -11.02 19.83 -4.34
N ALA A 268 -10.79 18.99 -5.35
CA ALA A 268 -9.68 18.04 -5.29
C ALA A 268 -8.33 18.74 -5.27
N ILE A 269 -8.22 19.86 -6.01
CA ILE A 269 -6.97 20.60 -6.04
C ILE A 269 -6.68 21.25 -4.69
N GLU A 270 -7.70 21.85 -4.08
CA GLU A 270 -7.50 22.52 -2.80
C GLU A 270 -7.03 21.55 -1.73
N GLU A 271 -7.64 20.37 -1.67
CA GLU A 271 -7.21 19.38 -0.68
C GLU A 271 -5.86 18.78 -1.02
N SER A 272 -5.50 18.75 -2.31
CA SER A 272 -4.17 18.27 -2.69
C SER A 272 -3.09 19.25 -2.27
N TYR A 273 -3.33 20.55 -2.44
CA TYR A 273 -2.32 21.54 -2.07
C TYR A 273 -2.18 21.65 -0.56
N TYR A 274 -3.26 21.42 0.19
CA TYR A 274 -3.16 21.44 1.65
C TYR A 274 -2.31 20.29 2.16
N LYS A 275 -2.44 19.11 1.55
CA LYS A 275 -1.58 17.98 1.91
C LYS A 275 -0.19 18.12 1.32
N LEU A 276 -0.04 18.88 0.22
CA LEU A 276 1.28 19.17 -0.29
C LEU A 276 2.11 19.96 0.71
N ASP A 277 1.46 20.80 1.52
CA ASP A 277 2.12 21.63 2.53
C ASP A 277 3.12 22.52 1.81
N LYS A 278 4.42 22.48 2.13
CA LYS A 278 5.41 23.35 1.52
C LYS A 278 5.99 22.79 0.23
N ARG A 279 5.64 21.56 -0.14
CA ARG A 279 6.20 20.96 -1.35
C ARG A 279 5.62 21.63 -2.59
N ILE A 280 6.51 21.98 -3.52
CA ILE A 280 6.14 22.66 -4.76
C ILE A 280 6.23 21.63 -5.90
N PRO A 281 5.12 21.24 -6.51
CA PRO A 281 5.17 20.28 -7.60
C PRO A 281 5.42 20.92 -8.96
N LYS A 282 6.03 20.14 -9.84
CA LYS A 282 6.30 20.59 -11.20
C LYS A 282 5.52 19.82 -12.25
N ALA A 283 4.77 18.78 -11.86
CA ALA A 283 3.94 18.01 -12.77
C ALA A 283 2.55 17.87 -12.17
N ILE A 284 1.53 17.93 -13.03
CA ILE A 284 0.15 17.80 -12.62
C ILE A 284 -0.55 16.86 -13.58
N HIS A 285 -1.34 15.93 -13.04
CA HIS A 285 -2.12 15.00 -13.84
C HIS A 285 -3.58 15.06 -13.39
N VAL A 286 -4.48 15.20 -14.36
CA VAL A 286 -5.91 15.11 -14.11
C VAL A 286 -6.34 13.70 -14.48
N VAL A 287 -6.97 12.99 -13.54
CA VAL A 287 -7.39 11.63 -13.76
C VAL A 287 -8.90 11.53 -13.56
N ALA A 288 -9.52 10.66 -14.34
CA ALA A 288 -10.97 10.49 -14.31
C ALA A 288 -11.31 9.02 -14.35
N VAL A 289 -12.21 8.59 -13.47
CA VAL A 289 -12.76 7.24 -13.49
C VAL A 289 -14.08 7.29 -14.22
N THR A 290 -14.17 6.56 -15.34
CA THR A 290 -15.36 6.62 -16.17
C THR A 290 -16.49 5.81 -15.54
N GLU A 291 -17.64 5.77 -16.24
CA GLU A 291 -18.81 5.06 -15.72
C GLU A 291 -18.53 3.56 -15.58
N ASP A 292 -17.80 3.00 -16.53
CA ASP A 292 -17.41 1.59 -16.48
C ASP A 292 -16.17 1.35 -15.62
N LEU A 293 -15.87 2.26 -14.70
CA LEU A 293 -14.77 2.15 -13.76
C LEU A 293 -13.40 2.12 -14.44
N ASP A 294 -13.32 2.52 -15.71
CA ASP A 294 -12.05 2.65 -16.37
C ASP A 294 -11.40 3.99 -16.00
N ILE A 295 -10.07 4.05 -16.16
CA ILE A 295 -9.29 5.21 -15.75
C ILE A 295 -8.67 5.84 -16.99
N VAL A 296 -8.85 7.15 -17.15
CA VAL A 296 -8.18 7.93 -18.17
C VAL A 296 -7.49 9.11 -17.48
N SER A 297 -6.30 9.47 -17.95
CA SER A 297 -5.52 10.52 -17.32
C SER A 297 -4.77 11.31 -18.37
N ARG A 298 -4.72 12.63 -18.17
CA ARG A 298 -3.91 13.52 -18.99
C ARG A 298 -3.05 14.38 -18.06
N GLY A 299 -1.78 14.56 -18.43
CA GLY A 299 -0.83 15.25 -17.59
C GLY A 299 -0.05 16.29 -18.37
N ARG A 300 0.80 17.01 -17.63
CA ARG A 300 1.65 18.05 -18.20
C ARG A 300 2.73 18.42 -17.20
N THR A 301 3.99 18.41 -17.62
CA THR A 301 5.11 18.77 -16.76
C THR A 301 5.62 20.16 -17.13
N PHE A 302 5.85 21.00 -16.10
CA PHE A 302 6.32 22.36 -16.30
C PHE A 302 7.81 22.47 -15.99
N PRO A 303 8.50 23.45 -16.58
CA PRO A 303 9.90 23.67 -16.21
C PRO A 303 10.05 24.48 -14.93
N HIS A 304 8.98 24.55 -14.15
CA HIS A 304 8.97 25.33 -12.92
C HIS A 304 7.90 24.79 -12.00
N GLY A 305 7.85 25.34 -10.79
CA GLY A 305 6.83 24.95 -9.84
C GLY A 305 5.45 25.44 -10.27
N ILE A 306 4.43 24.72 -9.84
CA ILE A 306 3.05 24.99 -10.22
C ILE A 306 2.36 25.69 -9.04
N SER A 307 2.04 26.96 -9.22
CA SER A 307 1.22 27.66 -8.25
C SER A 307 -0.19 27.10 -8.26
N LYS A 308 -0.91 27.32 -7.16
CA LYS A 308 -2.28 26.82 -7.06
C LYS A 308 -3.15 27.38 -8.18
N GLU A 309 -2.95 28.66 -8.52
CA GLU A 309 -3.74 29.27 -9.59
C GLU A 309 -3.40 28.68 -10.94
N THR A 310 -2.13 28.34 -11.17
CA THR A 310 -1.76 27.65 -12.40
C THR A 310 -2.38 26.26 -12.46
N ALA A 311 -2.39 25.56 -11.33
CA ALA A 311 -3.03 24.25 -11.28
C ALA A 311 -4.52 24.35 -11.59
N TYR A 312 -5.16 25.45 -11.21
CA TYR A 312 -6.56 25.65 -11.55
C TYR A 312 -6.75 25.74 -13.06
N SER A 313 -5.94 26.57 -13.72
CA SER A 313 -6.09 26.76 -15.16
C SER A 313 -5.71 25.49 -15.93
N GLU A 314 -4.56 24.89 -15.57
CA GLU A 314 -4.08 23.73 -16.31
C GLU A 314 -4.98 22.52 -16.14
N SER A 315 -5.59 22.35 -14.95
CA SER A 315 -6.45 21.19 -14.72
C SER A 315 -7.70 21.24 -15.59
N VAL A 316 -8.22 22.44 -15.85
CA VAL A 316 -9.36 22.56 -16.75
C VAL A 316 -8.96 22.17 -18.17
N LYS A 317 -7.78 22.65 -18.62
CA LYS A 317 -7.31 22.29 -19.96
C LYS A 317 -7.15 20.79 -20.10
N LEU A 318 -6.55 20.14 -19.09
CA LEU A 318 -6.35 18.70 -19.16
C LEU A 318 -7.68 17.96 -19.11
N LEU A 319 -8.60 18.40 -18.26
CA LEU A 319 -9.92 17.77 -18.20
C LEU A 319 -10.67 17.92 -19.53
N GLN A 320 -10.50 19.06 -20.19
CA GLN A 320 -11.08 19.23 -21.52
C GLN A 320 -10.43 18.28 -22.52
N LYS A 321 -9.12 18.05 -22.38
CA LYS A 321 -8.46 17.08 -23.24
C LYS A 321 -8.97 15.67 -22.99
N ILE A 322 -9.37 15.37 -21.76
CA ILE A 322 -9.93 14.06 -21.46
C ILE A 322 -11.29 13.90 -22.14
N LEU A 323 -12.17 14.88 -21.98
CA LEU A 323 -13.50 14.80 -22.60
C LEU A 323 -13.41 14.80 -24.12
N GLU A 324 -12.35 15.39 -24.68
CA GLU A 324 -12.20 15.45 -26.12
C GLU A 324 -11.75 14.11 -26.71
N GLU A 325 -10.98 13.33 -25.96
CA GLU A 325 -10.43 12.08 -26.47
C GLU A 325 -11.10 10.86 -25.86
N ASP A 326 -12.18 11.04 -25.09
CA ASP A 326 -12.95 9.93 -24.57
C ASP A 326 -14.42 10.34 -24.50
N GLU A 327 -15.31 9.48 -24.97
CA GLU A 327 -16.72 9.80 -25.08
C GLU A 327 -17.55 9.27 -23.92
N ARG A 328 -16.95 8.52 -23.00
CA ARG A 328 -17.69 7.99 -21.86
C ARG A 328 -17.93 9.08 -20.83
N LYS A 329 -18.91 8.83 -19.96
CA LYS A 329 -19.20 9.73 -18.86
C LYS A 329 -18.17 9.54 -17.75
N ILE A 330 -18.03 10.56 -16.91
CA ILE A 330 -17.07 10.56 -15.81
C ILE A 330 -17.81 10.28 -14.51
N ARG A 331 -17.33 9.31 -13.74
CA ARG A 331 -17.88 8.99 -12.43
C ARG A 331 -17.10 9.61 -11.30
N ARG A 332 -15.77 9.51 -11.33
CA ARG A 332 -14.90 10.12 -10.33
C ARG A 332 -13.89 11.01 -11.05
N ILE A 333 -13.58 12.15 -10.44
CA ILE A 333 -12.63 13.11 -11.00
C ILE A 333 -11.64 13.50 -9.91
N GLY A 334 -10.40 13.74 -10.30
CA GLY A 334 -9.37 14.07 -9.32
C GLY A 334 -8.11 14.54 -10.01
N VAL A 335 -7.13 14.89 -9.16
CA VAL A 335 -5.86 15.44 -9.62
C VAL A 335 -4.73 14.78 -8.83
N ARG A 336 -3.52 14.82 -9.40
CA ARG A 336 -2.34 14.30 -8.75
C ARG A 336 -1.15 15.18 -9.09
N PHE A 337 -0.30 15.43 -8.11
CA PHE A 337 0.87 16.28 -8.26
C PHE A 337 2.13 15.48 -7.95
N SER A 338 3.19 15.75 -8.70
CA SER A 338 4.43 15.00 -8.58
C SER A 338 5.59 15.89 -9.04
N LYS A 339 6.79 15.31 -9.04
CA LYS A 339 8.02 15.98 -9.43
C LYS A 339 8.23 17.25 -8.60
N PHE A 340 8.47 17.02 -7.31
CA PHE A 340 8.64 18.09 -6.35
C PHE A 340 10.03 18.71 -6.48
N ILE A 341 10.24 19.78 -5.72
CA ILE A 341 11.52 20.49 -5.74
C ILE A 341 12.31 20.21 -4.47
CA CA D . 1.38 -3.93 5.66
CA CA E . 0.14 -11.83 -3.58
CA CA F . -1.47 -3.95 8.22
#